data_6XK0
#
_entry.id   6XK0
#
_cell.length_a   94.983
_cell.length_b   94.983
_cell.length_c   143.591
_cell.angle_alpha   90.000
_cell.angle_beta   90.000
_cell.angle_gamma   120.000
#
_symmetry.space_group_name_H-M   'P 61'
#
loop_
_entity.id
_entity.type
_entity.pdbx_description
1 polymer Albumin
2 non-polymer DEXAMETHASONE
3 non-polymer 'CITRATE ANION'
4 non-polymer 'MYRISTIC ACID'
5 non-polymer 'UNKNOWN ATOM OR ION'
6 water water
#
_entity_poly.entity_id   1
_entity_poly.type   'polypeptide(L)'
_entity_poly.pdbx_seq_one_letter_code
;DTHKSEIAHRFNDLGEKHFKGLVLVAFSQYLQQ(CSX)PFEDHVKLVNEVTEFAKKCAADESAENCDKSLHTLFGDKLCT
VATLRATYGELADCCEKQEPERNECFLTHKDDHPNLPKLKPEPDAQCAAFQEDPDKFLGKYLYEVARRHPYFYGPELLFH
AEEYKADFTECCPADDKLACLIPKLDALKERILLSSAKERLKCSSFQNFGERAVKAWSVARLSQKFPKADFAEVSKIVTD
LTKVHKECCHGDLLECADDRADLAKYICEHQDSISGKLKACCDKPLLQKSHCIAEVKEDDLPSDLPALAADFAEDKEICK
HYKDAKDVFLGTFLYEYSRRHPDYSVSLLLRIAKTYEATLEKCCAEADPPACYRTVFDQFTPLVEEPKSLVKKNCDLFEE
VGEYDFQNALIVRYTKKAPQVSTPTLVEIGRTLGKVGSRCCKLPESERLPCSENHLALALNRLCVLHEKTPVSEKITKCC
TDSLAERRPCFSALELDEGYVPKEFKAETFTFHADICTLPEDEKQIKKQSALAELVKHKPKATKEQLKTVLGNFSAFVAK
CCGAEDKEACFAEEGPKLVASSQLALA
;
_entity_poly.pdbx_strand_id   A
#
# COMPACT_ATOMS: atom_id res chain seq x y z
N HIS A 3 26.95 -19.55 -7.04
CA HIS A 3 27.63 -19.47 -5.70
C HIS A 3 28.82 -18.51 -5.77
N LYS A 4 29.75 -18.77 -6.71
CA LYS A 4 30.98 -17.98 -6.94
C LYS A 4 30.59 -16.56 -7.40
N SER A 5 29.73 -16.49 -8.43
CA SER A 5 29.18 -15.22 -8.99
C SER A 5 27.67 -15.19 -8.78
N GLU A 6 27.18 -14.20 -8.01
CA GLU A 6 25.74 -14.04 -7.68
C GLU A 6 24.97 -13.51 -8.90
N ILE A 7 25.57 -12.59 -9.66
CA ILE A 7 24.92 -11.95 -10.85
C ILE A 7 24.77 -12.99 -11.97
N ALA A 8 25.76 -13.87 -12.11
CA ALA A 8 25.73 -15.05 -13.01
C ALA A 8 24.52 -15.92 -12.65
N HIS A 9 24.39 -16.24 -11.36
CA HIS A 9 23.30 -17.07 -10.77
C HIS A 9 21.94 -16.45 -11.10
N ARG A 10 21.76 -15.15 -10.81
CA ARG A 10 20.48 -14.43 -11.04
C ARG A 10 20.15 -14.43 -12.54
N PHE A 11 21.10 -14.05 -13.40
CA PHE A 11 20.93 -13.99 -14.87
C PHE A 11 20.50 -15.36 -15.40
N ASN A 12 21.20 -16.42 -14.99
CA ASN A 12 20.93 -17.83 -15.39
C ASN A 12 19.52 -18.24 -14.91
N ASP A 13 19.20 -17.95 -13.65
CA ASP A 13 17.93 -18.34 -12.99
C ASP A 13 16.74 -17.58 -13.60
N LEU A 14 16.88 -16.26 -13.80
CA LEU A 14 15.75 -15.33 -14.10
C LEU A 14 15.51 -15.21 -15.60
N GLY A 15 16.57 -15.23 -16.41
CA GLY A 15 16.50 -14.99 -17.87
C GLY A 15 16.59 -13.52 -18.19
N GLU A 16 16.94 -13.18 -19.45
CA GLU A 16 17.34 -11.80 -19.88
C GLU A 16 16.20 -10.81 -19.62
N LYS A 17 15.03 -11.03 -20.22
CA LYS A 17 13.88 -10.08 -20.22
C LYS A 17 13.57 -9.64 -18.78
N HIS A 18 13.32 -10.59 -17.88
CA HIS A 18 12.97 -10.34 -16.45
C HIS A 18 14.16 -9.76 -15.68
N PHE A 19 15.37 -10.23 -15.97
CA PHE A 19 16.63 -9.69 -15.36
C PHE A 19 16.74 -8.20 -15.70
N LYS A 20 16.68 -7.88 -17.01
CA LYS A 20 16.67 -6.49 -17.53
C LYS A 20 15.49 -5.72 -16.92
N GLY A 21 14.29 -6.29 -17.01
CA GLY A 21 13.03 -5.69 -16.51
C GLY A 21 13.13 -5.24 -15.06
N LEU A 22 13.62 -6.13 -14.18
CA LEU A 22 13.74 -5.86 -12.72
C LEU A 22 14.80 -4.79 -12.45
N VAL A 23 15.87 -4.76 -13.26
CA VAL A 23 17.01 -3.79 -13.11
C VAL A 23 16.53 -2.40 -13.58
N LEU A 24 15.68 -2.36 -14.62
CA LEU A 24 15.04 -1.10 -15.11
C LEU A 24 14.13 -0.54 -14.03
N VAL A 25 13.30 -1.41 -13.44
CA VAL A 25 12.39 -1.08 -12.29
C VAL A 25 13.25 -0.62 -11.10
N ALA A 26 14.32 -1.36 -10.81
CA ALA A 26 15.26 -1.08 -9.70
C ALA A 26 15.78 0.36 -9.79
N PHE A 27 16.43 0.70 -10.92
CA PHE A 27 17.03 2.04 -11.18
C PHE A 27 15.94 3.12 -11.17
N SER A 28 14.76 2.81 -11.72
CA SER A 28 13.59 3.72 -11.81
C SER A 28 13.08 4.11 -10.41
N GLN A 29 13.28 3.23 -9.42
CA GLN A 29 12.80 3.41 -8.02
C GLN A 29 13.83 4.21 -7.21
N TYR A 30 15.12 3.93 -7.42
CA TYR A 30 16.25 4.59 -6.72
C TYR A 30 16.45 6.01 -7.26
N LEU A 31 16.31 6.17 -8.58
CA LEU A 31 16.55 7.44 -9.32
C LEU A 31 15.30 7.80 -10.13
N GLN A 32 14.38 8.57 -9.52
CA GLN A 32 12.97 8.65 -9.95
C GLN A 32 12.75 9.78 -10.96
N GLN A 33 13.72 10.67 -11.13
CA GLN A 33 13.60 11.84 -12.06
C GLN A 33 14.57 11.70 -13.23
N PRO A 35 15.88 10.47 -16.83
CA PRO A 35 15.18 10.11 -18.06
C PRO A 35 15.16 8.60 -18.37
N PHE A 36 14.17 8.18 -19.17
CA PHE A 36 13.96 6.77 -19.58
C PHE A 36 15.19 6.27 -20.36
N GLU A 37 15.61 7.03 -21.38
CA GLU A 37 16.71 6.64 -22.31
C GLU A 37 18.05 6.50 -21.55
N ASP A 38 18.23 7.27 -20.47
CA ASP A 38 19.45 7.22 -19.61
C ASP A 38 19.46 5.89 -18.85
N HIS A 39 18.33 5.54 -18.23
CA HIS A 39 18.14 4.29 -17.43
C HIS A 39 18.32 3.06 -18.34
N VAL A 40 17.86 3.13 -19.59
CA VAL A 40 17.93 2.01 -20.59
C VAL A 40 19.40 1.61 -20.77
N LYS A 41 20.31 2.59 -20.81
CA LYS A 41 21.78 2.37 -20.99
C LYS A 41 22.37 1.71 -19.74
N LEU A 42 21.98 2.19 -18.55
CA LEU A 42 22.43 1.64 -17.24
C LEU A 42 22.04 0.16 -17.15
N VAL A 43 20.80 -0.17 -17.56
CA VAL A 43 20.26 -1.56 -17.58
C VAL A 43 21.10 -2.41 -18.55
N ASN A 44 21.36 -1.87 -19.75
CA ASN A 44 22.15 -2.55 -20.82
C ASN A 44 23.57 -2.82 -20.29
N GLU A 45 24.17 -1.83 -19.61
CA GLU A 45 25.56 -1.89 -19.07
C GLU A 45 25.66 -2.99 -17.99
N VAL A 46 24.60 -3.18 -17.20
CA VAL A 46 24.53 -4.22 -16.12
C VAL A 46 24.26 -5.58 -16.77
N THR A 47 23.27 -5.65 -17.67
CA THR A 47 22.90 -6.87 -18.46
C THR A 47 24.13 -7.37 -19.22
N GLU A 48 24.87 -6.45 -19.85
CA GLU A 48 26.15 -6.70 -20.56
C GLU A 48 27.12 -7.47 -19.65
N PHE A 49 27.40 -6.91 -18.47
CA PHE A 49 28.40 -7.43 -17.49
C PHE A 49 27.97 -8.78 -16.93
N ALA A 50 26.66 -8.98 -16.73
CA ALA A 50 26.05 -10.22 -16.18
C ALA A 50 26.25 -11.37 -17.16
N LYS A 51 26.21 -11.08 -18.47
CA LYS A 51 26.38 -12.07 -19.57
C LYS A 51 27.82 -12.59 -19.56
N LYS A 52 28.80 -11.71 -19.29
CA LYS A 52 30.24 -12.03 -19.21
C LYS A 52 30.48 -13.03 -18.07
N CYS A 53 29.81 -12.83 -16.94
CA CYS A 53 30.02 -13.58 -15.66
C CYS A 53 29.42 -14.99 -15.76
N ALA A 54 28.24 -15.12 -16.36
CA ALA A 54 27.52 -16.41 -16.54
C ALA A 54 28.35 -17.36 -17.42
N ALA A 55 29.11 -16.81 -18.37
CA ALA A 55 30.00 -17.55 -19.30
C ALA A 55 31.32 -17.91 -18.60
N ASP A 56 31.93 -16.94 -17.91
CA ASP A 56 33.20 -17.13 -17.14
C ASP A 56 33.05 -16.45 -15.77
N GLU A 57 32.83 -17.24 -14.71
CA GLU A 57 32.56 -16.76 -13.33
C GLU A 57 33.86 -16.27 -12.67
N SER A 58 35.01 -16.66 -13.20
CA SER A 58 36.36 -16.28 -12.69
C SER A 58 36.71 -14.84 -13.10
N ALA A 59 36.02 -14.30 -14.10
CA ALA A 59 36.24 -12.93 -14.66
C ALA A 59 36.15 -11.88 -13.54
N GLU A 60 36.79 -10.73 -13.74
CA GLU A 60 36.95 -9.66 -12.71
C GLU A 60 35.58 -9.04 -12.39
N ASN A 61 35.34 -8.73 -11.11
CA ASN A 61 34.15 -8.01 -10.59
C ASN A 61 32.94 -8.93 -10.48
N CYS A 62 33.01 -10.16 -11.03
CA CYS A 62 31.88 -11.12 -11.08
C CYS A 62 31.63 -11.74 -9.69
N ASP A 63 32.66 -11.76 -8.83
CA ASP A 63 32.60 -12.36 -7.47
C ASP A 63 31.98 -11.37 -6.47
N LYS A 64 31.76 -10.12 -6.87
CA LYS A 64 31.13 -9.07 -6.02
C LYS A 64 29.63 -9.38 -5.82
N SER A 65 29.05 -8.82 -4.76
CA SER A 65 27.59 -8.91 -4.43
C SER A 65 26.81 -7.90 -5.28
N LEU A 66 25.57 -8.23 -5.64
CA LEU A 66 24.67 -7.39 -6.50
C LEU A 66 24.49 -6.01 -5.88
N HIS A 67 24.39 -5.93 -4.55
CA HIS A 67 24.31 -4.65 -3.80
C HIS A 67 25.46 -3.74 -4.24
N THR A 68 26.69 -4.24 -4.11
CA THR A 68 27.92 -3.51 -4.51
C THR A 68 27.82 -3.14 -5.99
N LEU A 69 27.62 -4.13 -6.86
CA LEU A 69 27.61 -3.97 -8.34
C LEU A 69 26.55 -2.95 -8.76
N PHE A 70 25.32 -3.08 -8.24
CA PHE A 70 24.19 -2.14 -8.52
C PHE A 70 24.51 -0.76 -7.94
N GLY A 71 24.93 -0.72 -6.68
CA GLY A 71 25.25 0.51 -5.94
C GLY A 71 26.40 1.28 -6.60
N ASP A 72 27.38 0.57 -7.14
CA ASP A 72 28.54 1.15 -7.88
C ASP A 72 28.05 1.82 -9.17
N LYS A 73 27.18 1.13 -9.93
CA LYS A 73 26.63 1.62 -11.23
C LYS A 73 25.78 2.87 -11.01
N LEU A 74 25.09 2.95 -9.86
CA LEU A 74 24.21 4.10 -9.48
C LEU A 74 25.05 5.36 -9.29
N CYS A 75 26.27 5.21 -8.76
CA CYS A 75 27.18 6.33 -8.37
C CYS A 75 27.92 6.89 -9.59
N THR A 76 27.96 6.15 -10.70
CA THR A 76 28.61 6.55 -11.98
C THR A 76 27.64 7.38 -12.83
N VAL A 77 26.38 7.53 -12.40
CA VAL A 77 25.36 8.39 -13.06
C VAL A 77 25.89 9.84 -13.10
N ALA A 78 25.98 10.42 -14.30
CA ALA A 78 26.56 11.75 -14.57
C ALA A 78 25.74 12.85 -13.90
N THR A 79 24.42 12.71 -13.87
CA THR A 79 23.43 13.72 -13.38
C THR A 79 23.01 13.41 -11.94
N LEU A 80 23.91 12.84 -11.12
CA LEU A 80 23.56 12.34 -9.76
C LEU A 80 23.52 13.51 -8.77
N ARG A 81 24.62 14.25 -8.64
CA ARG A 81 24.74 15.42 -7.72
C ARG A 81 23.74 16.51 -8.15
N ALA A 82 23.62 16.74 -9.45
CA ALA A 82 22.83 17.82 -10.07
C ALA A 82 21.34 17.68 -9.70
N THR A 83 20.78 16.49 -9.94
CA THR A 83 19.32 16.21 -9.80
C THR A 83 18.97 15.87 -8.35
N TYR A 84 19.71 14.95 -7.72
CA TYR A 84 19.32 14.26 -6.47
C TYR A 84 20.02 14.88 -5.24
N GLY A 85 21.17 15.52 -5.44
CA GLY A 85 21.86 16.31 -4.41
C GLY A 85 22.45 15.47 -3.29
N GLU A 86 21.73 15.38 -2.16
CA GLU A 86 22.16 14.65 -0.93
C GLU A 86 22.41 13.17 -1.25
N LEU A 87 21.71 12.62 -2.24
CA LEU A 87 21.82 11.19 -2.65
C LEU A 87 23.26 10.86 -3.07
N ALA A 88 24.00 11.85 -3.57
CA ALA A 88 25.40 11.71 -4.01
C ALA A 88 26.35 11.56 -2.80
N ASP A 89 25.92 12.02 -1.61
CA ASP A 89 26.71 11.91 -0.36
C ASP A 89 26.77 10.45 0.09
N CYS A 90 25.70 9.68 -0.16
CA CYS A 90 25.57 8.23 0.17
C CYS A 90 26.72 7.43 -0.46
N CYS A 91 27.12 7.80 -1.68
CA CYS A 91 28.14 7.08 -2.50
C CYS A 91 29.49 7.02 -1.77
N GLU A 92 29.77 7.98 -0.88
CA GLU A 92 31.01 8.01 -0.06
C GLU A 92 30.96 6.88 0.99
N LYS A 93 29.77 6.58 1.52
CA LYS A 93 29.55 5.49 2.52
C LYS A 93 29.71 4.12 1.83
N GLN A 94 30.10 3.11 2.61
CA GLN A 94 30.26 1.70 2.14
C GLN A 94 29.01 0.89 2.50
N GLU A 95 28.85 -0.29 1.88
CA GLU A 95 27.76 -1.26 2.18
C GLU A 95 28.04 -1.89 3.54
N PRO A 96 27.02 -2.22 4.37
CA PRO A 96 25.61 -2.13 3.98
C PRO A 96 24.94 -0.76 4.12
N GLU A 97 25.67 0.24 4.64
CA GLU A 97 25.12 1.56 5.03
C GLU A 97 24.80 2.39 3.78
N ARG A 98 25.43 2.09 2.65
CA ARG A 98 25.28 2.86 1.38
C ARG A 98 23.85 2.68 0.83
N ASN A 99 23.33 1.45 0.83
CA ASN A 99 21.97 1.14 0.31
C ASN A 99 20.91 1.70 1.27
N GLU A 100 21.09 1.45 2.57
CA GLU A 100 20.23 2.03 3.65
C GLU A 100 20.09 3.53 3.42
N CYS A 101 21.19 4.20 3.06
CA CYS A 101 21.26 5.66 2.72
C CYS A 101 20.42 5.96 1.46
N PHE A 102 20.58 5.16 0.40
CA PHE A 102 19.85 5.30 -0.88
C PHE A 102 18.33 5.17 -0.63
N LEU A 103 17.94 4.17 0.16
CA LEU A 103 16.52 3.81 0.43
C LEU A 103 15.78 4.96 1.14
N THR A 104 16.48 5.70 2.00
CA THR A 104 15.91 6.87 2.74
C THR A 104 15.59 8.00 1.75
N HIS A 105 16.33 8.07 0.64
CA HIS A 105 16.24 9.15 -0.39
C HIS A 105 15.27 8.74 -1.50
N LYS A 106 14.55 7.63 -1.34
CA LYS A 106 13.38 7.26 -2.20
C LYS A 106 12.22 8.19 -1.84
N ASP A 107 11.57 8.76 -2.86
CA ASP A 107 10.50 9.79 -2.70
C ASP A 107 9.13 9.11 -2.79
N ASP A 108 8.41 9.03 -1.67
CA ASP A 108 7.06 8.41 -1.56
C ASP A 108 6.01 9.30 -2.25
N HIS A 109 6.30 10.60 -2.40
CA HIS A 109 5.43 11.61 -3.06
C HIS A 109 6.24 12.44 -4.05
N PRO A 110 6.47 11.95 -5.29
CA PRO A 110 7.40 12.62 -6.21
C PRO A 110 6.79 13.74 -7.08
N ASN A 111 5.47 13.94 -7.01
CA ASN A 111 4.73 15.01 -7.74
C ASN A 111 5.12 14.95 -9.22
N LEU A 112 4.74 13.85 -9.90
CA LEU A 112 5.08 13.60 -11.33
C LEU A 112 3.82 13.74 -12.18
N PRO A 113 3.94 14.07 -13.49
CA PRO A 113 2.77 14.26 -14.35
C PRO A 113 1.77 13.09 -14.35
N LYS A 114 0.51 13.37 -14.01
CA LYS A 114 -0.59 12.37 -13.96
C LYS A 114 -0.85 11.86 -15.39
N LEU A 115 -0.45 10.62 -15.67
CA LEU A 115 -0.48 10.01 -17.02
C LEU A 115 -1.93 9.96 -17.54
N LYS A 116 -2.22 10.68 -18.62
CA LYS A 116 -3.55 10.70 -19.30
C LYS A 116 -3.62 9.52 -20.25
N PRO A 117 -4.68 8.68 -20.21
CA PRO A 117 -4.82 7.57 -21.14
C PRO A 117 -5.31 8.10 -22.50
N GLU A 118 -4.39 8.28 -23.44
CA GLU A 118 -4.60 8.93 -24.76
C GLU A 118 -4.63 7.84 -25.83
N PRO A 119 -5.77 7.17 -26.08
CA PRO A 119 -5.80 5.96 -26.91
C PRO A 119 -5.37 6.16 -28.38
N ASP A 120 -5.51 7.37 -28.91
CA ASP A 120 -5.03 7.74 -30.27
C ASP A 120 -3.50 7.77 -30.27
N ALA A 121 -2.90 8.41 -29.26
CA ALA A 121 -1.44 8.63 -29.12
C ALA A 121 -0.72 7.32 -28.85
N GLN A 122 -1.28 6.46 -28.00
CA GLN A 122 -0.58 5.29 -27.39
C GLN A 122 -0.60 4.08 -28.34
N CYS A 123 -1.76 3.70 -28.87
CA CYS A 123 -1.93 2.58 -29.85
C CYS A 123 -0.99 2.81 -31.06
N ALA A 124 -0.74 4.07 -31.41
CA ALA A 124 0.22 4.49 -32.46
C ALA A 124 1.66 4.36 -31.94
N ALA A 125 1.90 4.80 -30.70
CA ALA A 125 3.21 4.73 -30.00
C ALA A 125 3.59 3.28 -29.71
N PHE A 126 2.58 2.40 -29.61
CA PHE A 126 2.71 0.94 -29.38
C PHE A 126 3.37 0.28 -30.59
N GLN A 127 3.22 0.89 -31.78
CA GLN A 127 3.75 0.38 -33.08
C GLN A 127 5.06 1.12 -33.43
N GLU A 128 5.13 2.43 -33.15
CA GLU A 128 6.32 3.28 -33.40
C GLU A 128 7.55 2.64 -32.75
N ASP A 129 7.46 2.33 -31.46
CA ASP A 129 8.54 1.67 -30.67
C ASP A 129 7.91 0.85 -29.55
N PRO A 130 7.72 -0.48 -29.74
CA PRO A 130 6.99 -1.29 -28.77
C PRO A 130 7.77 -1.63 -27.48
N ASP A 131 9.03 -2.04 -27.62
CA ASP A 131 9.93 -2.33 -26.46
C ASP A 131 10.19 -1.05 -25.67
N LYS A 132 10.15 0.10 -26.35
CA LYS A 132 10.22 1.45 -25.72
C LYS A 132 8.92 1.70 -24.94
N PHE A 133 7.79 1.21 -25.45
CA PHE A 133 6.42 1.40 -24.88
C PHE A 133 6.28 0.63 -23.55
N LEU A 134 6.36 -0.70 -23.61
CA LEU A 134 6.24 -1.60 -22.41
C LEU A 134 7.39 -1.29 -21.44
N GLY A 135 8.57 -0.94 -21.97
CA GLY A 135 9.74 -0.50 -21.19
C GLY A 135 9.46 0.80 -20.43
N LYS A 136 8.82 1.78 -21.08
CA LYS A 136 8.54 3.12 -20.49
C LYS A 136 7.46 2.99 -19.42
N TYR A 137 6.50 2.08 -19.59
CA TYR A 137 5.39 1.82 -18.64
C TYR A 137 5.96 1.38 -17.29
N LEU A 138 6.90 0.42 -17.31
CA LEU A 138 7.64 -0.06 -16.11
C LEU A 138 8.33 1.12 -15.42
N TYR A 139 9.01 1.95 -16.21
CA TYR A 139 9.77 3.15 -15.76
C TYR A 139 8.82 4.10 -15.02
N GLU A 140 7.67 4.42 -15.63
CA GLU A 140 6.71 5.47 -15.15
C GLU A 140 6.04 5.02 -13.83
N VAL A 141 5.66 3.76 -13.72
CA VAL A 141 5.00 3.19 -12.51
C VAL A 141 6.03 3.10 -11.38
N ALA A 142 7.23 2.60 -11.69
CA ALA A 142 8.34 2.40 -10.72
C ALA A 142 8.71 3.71 -10.01
N ARG A 143 8.87 4.80 -10.76
CA ARG A 143 9.35 6.10 -10.23
C ARG A 143 8.25 6.79 -9.42
N ARG A 144 6.97 6.48 -9.69
CA ARG A 144 5.81 7.02 -8.92
C ARG A 144 5.55 6.16 -7.67
N HIS A 145 6.14 4.96 -7.61
CA HIS A 145 5.94 3.97 -6.52
C HIS A 145 7.29 3.32 -6.18
N PRO A 146 8.19 4.02 -5.46
CA PRO A 146 9.56 3.53 -5.25
C PRO A 146 9.74 2.24 -4.45
N TYR A 147 8.67 1.70 -3.84
CA TYR A 147 8.69 0.44 -3.06
C TYR A 147 7.75 -0.61 -3.64
N PHE A 148 7.29 -0.40 -4.87
CA PHE A 148 6.39 -1.35 -5.60
C PHE A 148 7.10 -2.70 -5.75
N TYR A 149 6.38 -3.79 -5.47
CA TYR A 149 6.85 -5.20 -5.54
C TYR A 149 7.38 -5.48 -6.96
N GLY A 150 8.70 -5.56 -7.11
CA GLY A 150 9.41 -5.63 -8.42
C GLY A 150 8.81 -6.64 -9.39
N PRO A 151 8.79 -7.96 -9.05
CA PRO A 151 8.25 -8.97 -9.97
C PRO A 151 6.76 -8.77 -10.27
N GLU A 152 6.03 -8.10 -9.37
CA GLU A 152 4.57 -7.84 -9.52
C GLU A 152 4.36 -6.73 -10.56
N LEU A 153 5.33 -5.83 -10.72
CA LEU A 153 5.26 -4.72 -11.71
C LEU A 153 5.43 -5.28 -13.14
N LEU A 154 6.34 -6.25 -13.31
CA LEU A 154 6.55 -6.96 -14.60
C LEU A 154 5.25 -7.60 -15.08
N PHE A 155 4.45 -8.13 -14.16
CA PHE A 155 3.13 -8.77 -14.42
C PHE A 155 2.16 -7.72 -14.99
N HIS A 156 2.08 -6.55 -14.34
CA HIS A 156 1.19 -5.42 -14.72
C HIS A 156 1.56 -4.89 -16.12
N ALA A 157 2.84 -4.94 -16.48
CA ALA A 157 3.36 -4.54 -17.81
C ALA A 157 2.83 -5.48 -18.90
N GLU A 158 2.62 -6.75 -18.56
CA GLU A 158 2.07 -7.79 -19.48
C GLU A 158 0.54 -7.71 -19.50
N GLU A 159 -0.07 -7.22 -18.42
CA GLU A 159 -1.52 -6.83 -18.38
C GLU A 159 -1.72 -5.65 -19.33
N TYR A 160 -0.75 -4.71 -19.33
CA TYR A 160 -0.72 -3.50 -20.19
C TYR A 160 -0.58 -3.92 -21.66
N LYS A 161 0.39 -4.79 -21.95
CA LYS A 161 0.66 -5.34 -23.30
C LYS A 161 -0.62 -5.93 -23.89
N ALA A 162 -1.25 -6.87 -23.16
CA ALA A 162 -2.42 -7.67 -23.60
C ALA A 162 -3.61 -6.76 -23.92
N ASP A 163 -3.77 -5.66 -23.17
CA ASP A 163 -4.90 -4.70 -23.31
C ASP A 163 -4.84 -4.02 -24.69
N PHE A 164 -3.65 -3.56 -25.10
CA PHE A 164 -3.42 -2.78 -26.34
C PHE A 164 -3.57 -3.68 -27.58
N THR A 165 -3.06 -4.91 -27.50
CA THR A 165 -3.14 -5.92 -28.59
C THR A 165 -4.58 -6.36 -28.83
N GLU A 166 -5.46 -6.21 -27.83
CA GLU A 166 -6.89 -6.62 -27.88
C GLU A 166 -7.76 -5.46 -28.39
N CYS A 167 -7.36 -4.21 -28.12
CA CYS A 167 -8.21 -2.99 -28.29
C CYS A 167 -7.81 -2.18 -29.53
N CYS A 168 -6.51 -2.05 -29.81
CA CYS A 168 -5.97 -1.22 -30.94
C CYS A 168 -6.51 -1.72 -32.28
N PRO A 169 -6.66 -3.05 -32.51
CA PRO A 169 -7.27 -3.55 -33.74
C PRO A 169 -8.71 -3.09 -33.99
N ALA A 170 -9.52 -2.96 -32.93
CA ALA A 170 -10.95 -2.58 -32.97
C ALA A 170 -11.08 -1.15 -33.53
N ASP A 171 -12.25 -0.84 -34.09
CA ASP A 171 -12.56 0.49 -34.71
C ASP A 171 -12.48 1.58 -33.63
N ASP A 172 -13.37 1.53 -32.64
CA ASP A 172 -13.37 2.44 -31.47
C ASP A 172 -12.31 1.95 -30.47
N LYS A 173 -11.14 2.59 -30.47
CA LYS A 173 -9.98 2.23 -29.61
C LYS A 173 -10.25 2.70 -28.17
N LEU A 174 -10.99 3.79 -28.01
CA LEU A 174 -11.24 4.46 -26.70
C LEU A 174 -12.15 3.57 -25.83
N ALA A 175 -13.27 3.12 -26.39
CA ALA A 175 -14.36 2.40 -25.69
C ALA A 175 -13.85 1.06 -25.14
N CYS A 176 -12.93 0.42 -25.85
CA CYS A 176 -12.28 -0.87 -25.45
C CYS A 176 -11.23 -0.62 -24.37
N LEU A 177 -10.33 0.33 -24.63
CA LEU A 177 -9.04 0.52 -23.89
C LEU A 177 -9.29 1.17 -22.52
N ILE A 178 -10.08 2.26 -22.49
CA ILE A 178 -10.22 3.16 -21.30
C ILE A 178 -10.73 2.35 -20.10
N PRO A 179 -11.87 1.61 -20.19
CA PRO A 179 -12.31 0.77 -19.09
C PRO A 179 -11.24 -0.19 -18.56
N LYS A 180 -10.46 -0.80 -19.46
CA LYS A 180 -9.38 -1.76 -19.13
C LYS A 180 -8.23 -1.05 -18.43
N LEU A 181 -7.79 0.11 -18.96
CA LEU A 181 -6.65 0.90 -18.42
C LEU A 181 -7.06 1.57 -17.09
N ASP A 182 -8.29 2.06 -16.99
CA ASP A 182 -8.84 2.71 -15.76
C ASP A 182 -8.75 1.72 -14.60
N ALA A 183 -9.16 0.47 -14.83
CA ALA A 183 -9.16 -0.64 -13.83
C ALA A 183 -7.72 -0.97 -13.41
N LEU A 184 -6.76 -0.86 -14.33
CA LEU A 184 -5.34 -1.22 -14.10
C LEU A 184 -4.68 -0.20 -13.16
N LYS A 185 -5.01 1.08 -13.32
CA LYS A 185 -4.53 2.19 -12.43
C LYS A 185 -4.99 1.92 -10.99
N GLU A 186 -6.21 1.41 -10.84
CA GLU A 186 -6.84 1.07 -9.53
C GLU A 186 -6.09 -0.12 -8.90
N ARG A 187 -5.73 -1.11 -9.72
CA ARG A 187 -5.02 -2.34 -9.29
C ARG A 187 -3.58 -1.99 -8.88
N ILE A 188 -2.97 -1.01 -9.56
CA ILE A 188 -1.56 -0.59 -9.31
C ILE A 188 -1.48 0.21 -8.01
N LEU A 189 -2.40 1.15 -7.79
CA LEU A 189 -2.46 1.97 -6.54
C LEU A 189 -2.61 1.05 -5.32
N LEU A 190 -3.46 0.02 -5.44
CA LEU A 190 -3.73 -0.96 -4.34
C LEU A 190 -2.49 -1.83 -4.10
N SER A 191 -1.85 -2.29 -5.18
CA SER A 191 -0.62 -3.14 -5.14
C SER A 191 0.52 -2.37 -4.46
N SER A 192 0.76 -1.13 -4.88
CA SER A 192 1.77 -0.20 -4.31
C SER A 192 1.51 -0.03 -2.80
N ALA A 193 0.24 0.19 -2.43
CA ALA A 193 -0.21 0.42 -1.04
C ALA A 193 0.07 -0.82 -0.19
N LYS A 194 -0.31 -2.00 -0.69
CA LYS A 194 -0.13 -3.31 0.01
C LYS A 194 1.35 -3.53 0.35
N GLU A 195 2.25 -3.34 -0.62
CA GLU A 195 3.70 -3.61 -0.48
C GLU A 195 4.34 -2.58 0.46
N ARG A 196 3.94 -1.30 0.35
CA ARG A 196 4.50 -0.21 1.19
C ARG A 196 4.29 -0.52 2.67
N LEU A 197 3.17 -1.17 3.02
CA LEU A 197 2.86 -1.57 4.41
C LEU A 197 3.80 -2.70 4.86
N LYS A 198 4.15 -3.62 3.94
CA LYS A 198 5.12 -4.72 4.23
C LYS A 198 6.48 -4.11 4.55
N CYS A 199 6.96 -3.20 3.69
CA CYS A 199 8.26 -2.50 3.84
C CYS A 199 8.24 -1.63 5.11
N SER A 200 7.14 -0.92 5.36
CA SER A 200 6.93 -0.07 6.55
C SER A 200 7.03 -0.90 7.84
N SER A 201 6.47 -2.10 7.83
CA SER A 201 6.43 -3.04 8.99
C SER A 201 7.85 -3.49 9.34
N PHE A 202 8.65 -3.87 8.34
CA PHE A 202 10.09 -4.19 8.47
C PHE A 202 10.82 -3.02 9.14
N GLN A 203 10.70 -1.83 8.54
CA GLN A 203 11.36 -0.57 9.00
C GLN A 203 11.04 -0.28 10.46
N ASN A 204 9.76 -0.33 10.82
CA ASN A 204 9.20 0.25 12.08
C ASN A 204 9.08 -0.84 13.16
N PHE A 205 8.75 -2.09 12.78
CA PHE A 205 8.35 -3.16 13.74
C PHE A 205 9.15 -4.46 13.52
N GLY A 206 10.03 -4.52 12.52
CA GLY A 206 10.89 -5.69 12.26
C GLY A 206 10.13 -6.80 11.52
N GLU A 207 10.80 -7.93 11.26
CA GLU A 207 10.28 -9.03 10.41
C GLU A 207 9.35 -9.94 11.22
N ARG A 208 9.46 -9.93 12.55
CA ARG A 208 8.56 -10.67 13.47
C ARG A 208 7.10 -10.22 13.24
N ALA A 209 6.90 -8.91 13.09
CA ALA A 209 5.59 -8.27 12.81
C ALA A 209 5.09 -8.69 11.42
N VAL A 210 5.99 -8.76 10.44
CA VAL A 210 5.68 -9.16 9.03
C VAL A 210 5.29 -10.64 8.98
N LYS A 211 5.97 -11.48 9.78
CA LYS A 211 5.67 -12.94 9.89
C LYS A 211 4.26 -13.12 10.48
N ALA A 212 4.00 -12.47 11.63
CA ALA A 212 2.71 -12.50 12.36
C ALA A 212 1.56 -12.17 11.40
N TRP A 213 1.70 -11.06 10.67
CA TRP A 213 0.69 -10.57 9.69
C TRP A 213 0.42 -11.65 8.63
N SER A 214 1.49 -12.27 8.10
CA SER A 214 1.43 -13.24 6.98
C SER A 214 0.81 -14.56 7.48
N VAL A 215 1.20 -15.03 8.67
CA VAL A 215 0.63 -16.25 9.32
C VAL A 215 -0.89 -16.10 9.34
N ALA A 216 -1.38 -14.92 9.72
CA ALA A 216 -2.83 -14.58 9.83
C ALA A 216 -3.48 -14.62 8.44
N ARG A 217 -2.90 -13.94 7.46
CA ARG A 217 -3.50 -13.77 6.10
C ARG A 217 -3.49 -15.09 5.33
N LEU A 218 -2.38 -15.83 5.36
CA LEU A 218 -2.22 -17.09 4.59
C LEU A 218 -3.03 -18.21 5.24
N SER A 219 -3.18 -18.19 6.57
CA SER A 219 -4.05 -19.10 7.35
C SER A 219 -5.51 -18.93 6.90
N GLN A 220 -5.93 -17.68 6.67
CA GLN A 220 -7.27 -17.33 6.13
C GLN A 220 -7.39 -17.84 4.69
N LYS A 221 -6.36 -17.63 3.87
CA LYS A 221 -6.32 -18.03 2.43
C LYS A 221 -6.30 -19.56 2.31
N PHE A 222 -5.52 -20.23 3.16
CA PHE A 222 -5.21 -21.69 3.08
C PHE A 222 -5.59 -22.39 4.38
N PRO A 223 -6.89 -22.44 4.76
CA PRO A 223 -7.31 -23.09 5.99
C PRO A 223 -7.11 -24.62 5.97
N LYS A 224 -7.07 -25.23 4.79
CA LYS A 224 -6.80 -26.68 4.60
C LYS A 224 -5.34 -26.99 4.96
N ALA A 225 -4.43 -26.06 4.69
CA ALA A 225 -2.97 -26.19 4.93
C ALA A 225 -2.72 -26.37 6.43
N ASP A 226 -1.83 -27.30 6.79
CA ASP A 226 -1.38 -27.51 8.19
C ASP A 226 -0.39 -26.41 8.58
N PHE A 227 -0.06 -26.31 9.87
CA PHE A 227 0.74 -25.21 10.47
C PHE A 227 2.17 -25.21 9.88
N ALA A 228 2.73 -26.39 9.65
CA ALA A 228 4.12 -26.59 9.15
C ALA A 228 4.24 -26.09 7.70
N GLU A 229 3.17 -26.23 6.91
CA GLU A 229 3.07 -25.67 5.53
C GLU A 229 3.01 -24.15 5.60
N VAL A 230 2.06 -23.61 6.39
CA VAL A 230 1.84 -22.15 6.57
C VAL A 230 3.15 -21.52 7.07
N SER A 231 3.79 -22.13 8.07
CA SER A 231 5.08 -21.69 8.67
C SER A 231 6.18 -21.67 7.60
N LYS A 232 6.20 -22.69 6.73
CA LYS A 232 7.19 -22.83 5.63
C LYS A 232 6.97 -21.71 4.60
N ILE A 233 5.73 -21.54 4.15
CA ILE A 233 5.33 -20.51 3.14
C ILE A 233 5.61 -19.10 3.70
N VAL A 234 5.22 -18.85 4.96
CA VAL A 234 5.39 -17.53 5.64
C VAL A 234 6.88 -17.19 5.74
N THR A 235 7.70 -18.14 6.20
CA THR A 235 9.18 -17.99 6.34
C THR A 235 9.78 -17.56 5.00
N ASP A 236 9.48 -18.31 3.93
CA ASP A 236 10.02 -18.08 2.57
C ASP A 236 9.49 -16.75 2.01
N LEU A 237 8.21 -16.46 2.21
CA LEU A 237 7.53 -15.25 1.67
C LEU A 237 8.04 -14.00 2.39
N THR A 238 8.34 -14.09 3.69
CA THR A 238 8.86 -12.96 4.51
C THR A 238 10.25 -12.58 4.00
N LYS A 239 11.11 -13.57 3.76
CA LYS A 239 12.47 -13.39 3.19
C LYS A 239 12.36 -12.69 1.83
N VAL A 240 11.36 -13.06 1.02
CA VAL A 240 11.12 -12.47 -0.34
C VAL A 240 10.86 -10.97 -0.21
N HIS A 241 9.93 -10.58 0.67
CA HIS A 241 9.46 -9.18 0.83
C HIS A 241 10.56 -8.32 1.49
N LYS A 242 11.31 -8.90 2.42
CA LYS A 242 12.49 -8.27 3.06
C LYS A 242 13.48 -7.83 1.99
N GLU A 243 13.77 -8.72 1.03
CA GLU A 243 14.77 -8.50 -0.06
C GLU A 243 14.27 -7.43 -1.02
N CYS A 244 13.01 -7.53 -1.46
CA CYS A 244 12.35 -6.56 -2.40
C CYS A 244 12.32 -5.16 -1.76
N CYS A 245 11.95 -5.08 -0.48
CA CYS A 245 11.82 -3.80 0.28
C CYS A 245 13.19 -3.14 0.48
N HIS A 246 14.27 -3.93 0.47
CA HIS A 246 15.67 -3.46 0.58
C HIS A 246 16.28 -3.28 -0.81
N GLY A 247 15.48 -3.39 -1.87
CA GLY A 247 15.86 -3.07 -3.26
C GLY A 247 16.57 -4.22 -3.97
N ASP A 248 16.66 -5.39 -3.33
CA ASP A 248 17.33 -6.60 -3.88
C ASP A 248 16.34 -7.36 -4.77
N LEU A 249 15.86 -6.70 -5.84
CA LEU A 249 14.74 -7.19 -6.70
C LEU A 249 15.10 -8.53 -7.35
N LEU A 250 16.37 -8.73 -7.71
CA LEU A 250 16.84 -9.97 -8.41
C LEU A 250 16.78 -11.16 -7.46
N GLU A 251 17.31 -10.99 -6.23
CA GLU A 251 17.28 -12.04 -5.16
C GLU A 251 15.83 -12.26 -4.72
N CYS A 252 15.06 -11.17 -4.64
CA CYS A 252 13.60 -11.17 -4.31
C CYS A 252 12.84 -12.01 -5.34
N ALA A 253 13.09 -11.76 -6.63
CA ALA A 253 12.42 -12.39 -7.79
C ALA A 253 12.74 -13.88 -7.87
N ASP A 254 13.99 -14.24 -7.58
CA ASP A 254 14.50 -15.64 -7.67
C ASP A 254 13.88 -16.47 -6.54
N ASP A 255 13.89 -15.94 -5.31
CA ASP A 255 13.29 -16.59 -4.11
C ASP A 255 11.77 -16.70 -4.28
N ARG A 256 11.16 -15.74 -5.00
CA ARG A 256 9.69 -15.72 -5.26
C ARG A 256 9.33 -16.86 -6.21
N ALA A 257 10.16 -17.09 -7.24
CA ALA A 257 9.98 -18.16 -8.25
C ALA A 257 10.10 -19.53 -7.58
N ASP A 258 11.04 -19.68 -6.64
CA ASP A 258 11.26 -20.92 -5.85
C ASP A 258 10.04 -21.21 -4.98
N LEU A 259 9.43 -20.16 -4.39
CA LEU A 259 8.23 -20.28 -3.52
C LEU A 259 7.00 -20.66 -4.37
N ALA A 260 6.91 -20.10 -5.58
CA ALA A 260 5.83 -20.41 -6.56
C ALA A 260 5.87 -21.89 -6.91
N LYS A 261 7.07 -22.39 -7.25
CA LYS A 261 7.33 -23.82 -7.58
C LYS A 261 6.88 -24.70 -6.42
N TYR A 262 7.32 -24.39 -5.19
CA TYR A 262 7.02 -25.15 -3.95
C TYR A 262 5.50 -25.25 -3.77
N ILE A 263 4.83 -24.09 -3.70
CA ILE A 263 3.35 -23.98 -3.48
C ILE A 263 2.62 -24.89 -4.49
N CYS A 264 3.08 -24.91 -5.74
CA CYS A 264 2.42 -25.60 -6.88
C CYS A 264 2.75 -27.10 -6.89
N GLU A 265 3.90 -27.49 -6.36
CA GLU A 265 4.30 -28.92 -6.21
C GLU A 265 3.57 -29.54 -5.01
N HIS A 266 3.05 -28.71 -4.10
CA HIS A 266 2.34 -29.13 -2.86
C HIS A 266 0.92 -28.54 -2.81
N GLN A 267 0.36 -28.19 -3.98
CA GLN A 267 -0.90 -27.40 -4.08
C GLN A 267 -2.08 -28.16 -3.46
N ASP A 268 -2.14 -29.49 -3.65
CA ASP A 268 -3.28 -30.33 -3.21
C ASP A 268 -3.47 -30.23 -1.68
N SER A 269 -2.36 -30.15 -0.94
CA SER A 269 -2.35 -30.13 0.55
C SER A 269 -2.27 -28.69 1.10
N ILE A 270 -2.37 -27.68 0.23
CA ILE A 270 -2.37 -26.24 0.62
C ILE A 270 -3.77 -25.66 0.37
N SER A 271 -4.24 -25.74 -0.87
CA SER A 271 -5.57 -25.24 -1.31
C SER A 271 -5.96 -25.83 -2.67
N GLY A 272 -7.24 -26.18 -2.84
CA GLY A 272 -7.81 -26.66 -4.10
C GLY A 272 -8.01 -25.52 -5.10
N LYS A 273 -7.87 -24.27 -4.64
CA LYS A 273 -8.13 -23.03 -5.42
C LYS A 273 -6.87 -22.59 -6.20
N LEU A 274 -5.76 -23.33 -6.06
CA LEU A 274 -4.44 -22.96 -6.66
C LEU A 274 -4.26 -23.62 -8.04
N LYS A 275 -5.12 -24.59 -8.40
CA LYS A 275 -4.95 -25.43 -9.62
C LYS A 275 -4.75 -24.54 -10.84
N ALA A 276 -5.71 -23.65 -11.10
CA ALA A 276 -5.72 -22.70 -12.25
C ALA A 276 -4.40 -21.92 -12.30
N CYS A 277 -3.96 -21.38 -11.16
CA CYS A 277 -2.72 -20.55 -11.01
C CYS A 277 -1.49 -21.31 -11.50
N CYS A 278 -1.40 -22.61 -11.20
CA CYS A 278 -0.18 -23.45 -11.38
C CYS A 278 -0.05 -23.95 -12.82
N ASP A 279 -1.02 -23.66 -13.69
CA ASP A 279 -0.98 -23.98 -15.14
C ASP A 279 -0.65 -22.73 -15.96
N LYS A 280 0.02 -21.75 -15.35
CA LYS A 280 0.28 -20.40 -15.95
C LYS A 280 1.77 -20.11 -15.96
N PRO A 281 2.24 -19.15 -16.78
CA PRO A 281 3.62 -18.69 -16.73
C PRO A 281 3.97 -18.03 -15.39
N LEU A 282 5.27 -17.94 -15.08
CA LEU A 282 5.82 -17.57 -13.75
C LEU A 282 5.08 -16.37 -13.15
N LEU A 283 5.02 -15.25 -13.89
CA LEU A 283 4.48 -13.95 -13.39
C LEU A 283 2.96 -14.07 -13.17
N GLN A 284 2.25 -14.74 -14.09
CA GLN A 284 0.79 -15.01 -13.98
C GLN A 284 0.55 -15.96 -12.80
N LYS A 285 1.37 -17.00 -12.68
CA LYS A 285 1.30 -18.02 -11.61
C LYS A 285 1.52 -17.34 -10.24
N SER A 286 2.61 -16.57 -10.13
CA SER A 286 3.01 -15.84 -8.91
C SER A 286 1.90 -14.89 -8.46
N HIS A 287 1.38 -14.07 -9.39
CA HIS A 287 0.28 -13.10 -9.16
C HIS A 287 -0.98 -13.85 -8.69
N CYS A 288 -1.34 -14.93 -9.39
CA CYS A 288 -2.57 -15.73 -9.13
C CYS A 288 -2.52 -16.32 -7.72
N ILE A 289 -1.34 -16.77 -7.27
CA ILE A 289 -1.08 -17.31 -5.90
C ILE A 289 -1.30 -16.19 -4.88
N ALA A 290 -0.71 -15.02 -5.13
CA ALA A 290 -0.74 -13.84 -4.24
C ALA A 290 -2.18 -13.35 -4.05
N GLU A 291 -2.98 -13.38 -5.11
CA GLU A 291 -4.38 -12.87 -5.12
C GLU A 291 -5.39 -14.04 -5.18
N VAL A 292 -4.98 -15.24 -4.75
CA VAL A 292 -5.86 -16.45 -4.72
C VAL A 292 -7.01 -16.19 -3.73
N LYS A 293 -8.23 -16.59 -4.10
CA LYS A 293 -9.43 -16.50 -3.23
C LYS A 293 -9.30 -17.54 -2.11
N GLU A 294 -9.85 -17.24 -0.93
CA GLU A 294 -9.78 -18.10 0.29
C GLU A 294 -10.44 -19.45 0.00
N ASP A 295 -9.84 -20.54 0.52
CA ASP A 295 -10.33 -21.93 0.33
C ASP A 295 -11.54 -22.16 1.25
N ASP A 296 -12.36 -23.16 0.92
CA ASP A 296 -13.53 -23.59 1.75
C ASP A 296 -13.00 -24.10 3.09
N LEU A 297 -13.74 -23.85 4.18
CA LEU A 297 -13.33 -24.20 5.57
C LEU A 297 -13.46 -25.72 5.75
N PRO A 298 -12.48 -26.39 6.43
CA PRO A 298 -12.60 -27.82 6.72
C PRO A 298 -13.72 -28.08 7.73
N SER A 299 -14.35 -29.26 7.65
CA SER A 299 -15.52 -29.67 8.47
C SER A 299 -15.08 -30.30 9.80
N ASP A 300 -13.78 -30.56 9.95
CA ASP A 300 -13.23 -31.51 10.95
C ASP A 300 -12.36 -30.80 11.99
N LEU A 301 -12.54 -29.49 12.18
CA LEU A 301 -11.73 -28.67 13.13
C LEU A 301 -12.43 -28.59 14.48
N PRO A 302 -11.71 -28.83 15.60
CA PRO A 302 -12.29 -28.75 16.93
C PRO A 302 -12.40 -27.31 17.45
N ALA A 303 -13.04 -27.13 18.62
CA ALA A 303 -13.13 -25.84 19.34
C ALA A 303 -11.74 -25.46 19.88
N LEU A 304 -11.41 -24.17 19.88
CA LEU A 304 -10.07 -23.64 20.25
C LEU A 304 -9.85 -23.78 21.76
N ALA A 305 -10.90 -23.57 22.55
CA ALA A 305 -10.85 -23.49 24.04
C ALA A 305 -10.19 -24.75 24.63
N ALA A 306 -10.43 -25.91 24.00
CA ALA A 306 -9.89 -27.24 24.42
C ALA A 306 -8.37 -27.15 24.61
N ASP A 307 -7.67 -26.42 23.74
CA ASP A 307 -6.18 -26.39 23.65
C ASP A 307 -5.63 -25.04 24.12
N PHE A 308 -6.45 -23.97 24.13
CA PHE A 308 -5.98 -22.57 24.35
C PHE A 308 -6.64 -21.92 25.58
N ALA A 309 -7.60 -22.59 26.22
CA ALA A 309 -8.25 -22.11 27.46
C ALA A 309 -8.28 -23.21 28.54
N GLU A 310 -8.56 -24.46 28.14
CA GLU A 310 -8.86 -25.59 29.06
C GLU A 310 -7.59 -26.37 29.42
N ASP A 311 -6.73 -26.67 28.44
CA ASP A 311 -5.51 -27.51 28.63
C ASP A 311 -4.70 -26.96 29.82
N LYS A 312 -4.33 -27.86 30.74
CA LYS A 312 -3.68 -27.51 32.04
C LYS A 312 -2.17 -27.27 31.84
N GLU A 313 -1.61 -27.70 30.71
CA GLU A 313 -0.16 -27.58 30.39
C GLU A 313 0.08 -26.40 29.41
N ILE A 314 -0.77 -25.38 29.45
CA ILE A 314 -0.69 -24.19 28.53
C ILE A 314 0.54 -23.35 28.89
N CYS A 315 0.81 -23.15 30.19
CA CYS A 315 2.00 -22.39 30.68
C CYS A 315 3.29 -23.13 30.31
N LYS A 316 3.27 -24.47 30.39
CA LYS A 316 4.42 -25.34 30.01
C LYS A 316 4.69 -25.19 28.50
N HIS A 317 3.63 -25.26 27.68
CA HIS A 317 3.68 -25.02 26.22
C HIS A 317 4.25 -23.62 25.95
N TYR A 318 3.78 -22.62 26.71
CA TYR A 318 4.13 -21.18 26.56
C TYR A 318 5.58 -20.93 27.00
N LYS A 319 5.96 -21.47 28.17
CA LYS A 319 7.29 -21.24 28.79
C LYS A 319 8.42 -21.66 27.83
N ASP A 320 8.35 -22.89 27.32
CA ASP A 320 9.43 -23.53 26.52
C ASP A 320 9.49 -22.89 25.12
N ALA A 321 8.34 -22.78 24.45
CA ALA A 321 8.20 -22.27 23.07
C ALA A 321 7.16 -21.14 23.03
N LYS A 322 7.58 -19.92 23.39
CA LYS A 322 6.70 -18.72 23.47
C LYS A 322 6.14 -18.40 22.08
N ASP A 323 7.04 -18.10 21.13
CA ASP A 323 6.72 -17.62 19.76
C ASP A 323 5.91 -18.70 19.00
N VAL A 324 6.35 -19.96 19.07
CA VAL A 324 5.75 -21.10 18.30
C VAL A 324 4.31 -21.31 18.77
N PHE A 325 4.09 -21.34 20.08
CA PHE A 325 2.75 -21.59 20.70
C PHE A 325 1.79 -20.45 20.39
N LEU A 326 2.29 -19.21 20.34
CA LEU A 326 1.49 -18.01 19.96
C LEU A 326 1.21 -18.08 18.45
N GLY A 327 2.23 -18.40 17.65
CA GLY A 327 2.10 -18.67 16.21
C GLY A 327 1.05 -19.73 15.92
N THR A 328 0.97 -20.74 16.78
CA THR A 328 -0.02 -21.86 16.71
C THR A 328 -1.44 -21.31 16.92
N PHE A 329 -1.61 -20.45 17.93
CA PHE A 329 -2.90 -19.82 18.31
C PHE A 329 -3.42 -18.97 17.15
N LEU A 330 -2.54 -18.13 16.59
CA LEU A 330 -2.86 -17.19 15.48
C LEU A 330 -3.32 -17.98 14.25
N TYR A 331 -2.60 -19.06 13.92
CA TYR A 331 -2.90 -19.99 12.79
C TYR A 331 -4.32 -20.56 12.95
N GLU A 332 -4.63 -21.07 14.14
CA GLU A 332 -5.91 -21.77 14.44
C GLU A 332 -7.08 -20.78 14.46
N TYR A 333 -6.89 -19.59 15.04
CA TYR A 333 -7.93 -18.53 15.14
C TYR A 333 -8.19 -17.94 13.75
N SER A 334 -7.12 -17.74 12.98
CA SER A 334 -7.15 -17.05 11.66
C SER A 334 -7.86 -17.92 10.61
N ARG A 335 -7.55 -19.21 10.55
CA ARG A 335 -8.07 -20.15 9.52
C ARG A 335 -9.59 -20.29 9.65
N ARG A 336 -10.13 -20.16 10.87
CA ARG A 336 -11.59 -20.29 11.16
C ARG A 336 -12.32 -18.98 10.85
N HIS A 337 -11.60 -17.84 10.89
CA HIS A 337 -12.18 -16.47 10.80
C HIS A 337 -11.62 -15.73 9.58
N PRO A 338 -12.04 -16.10 8.35
CA PRO A 338 -11.72 -15.29 7.16
C PRO A 338 -12.56 -14.01 7.09
N ASP A 339 -13.61 -13.93 7.91
CA ASP A 339 -14.56 -12.78 8.00
C ASP A 339 -13.98 -11.68 8.90
N TYR A 340 -12.80 -11.91 9.47
CA TYR A 340 -12.08 -10.95 10.36
C TYR A 340 -10.94 -10.27 9.59
N SER A 341 -10.66 -9.02 9.92
CA SER A 341 -9.48 -8.25 9.41
C SER A 341 -8.20 -8.85 10.01
N VAL A 342 -7.05 -8.61 9.38
CA VAL A 342 -5.73 -9.17 9.83
C VAL A 342 -5.32 -8.47 11.13
N SER A 343 -5.63 -7.17 11.25
CA SER A 343 -5.34 -6.34 12.46
C SER A 343 -6.15 -6.86 13.65
N LEU A 344 -7.41 -7.24 13.41
CA LEU A 344 -8.34 -7.79 14.45
C LEU A 344 -7.75 -9.10 14.99
N LEU A 345 -7.32 -9.98 14.08
CA LEU A 345 -6.69 -11.30 14.42
C LEU A 345 -5.41 -11.05 15.23
N LEU A 346 -4.57 -10.09 14.81
CA LEU A 346 -3.31 -9.74 15.50
C LEU A 346 -3.62 -9.10 16.86
N ARG A 347 -4.71 -8.32 16.94
CA ARG A 347 -5.18 -7.70 18.21
C ARG A 347 -5.55 -8.81 19.20
N ILE A 348 -6.38 -9.76 18.76
CA ILE A 348 -6.82 -10.95 19.56
C ILE A 348 -5.59 -11.70 20.08
N ALA A 349 -4.62 -11.95 19.19
CA ALA A 349 -3.38 -12.72 19.48
C ALA A 349 -2.52 -11.99 20.52
N LYS A 350 -2.45 -10.65 20.42
CA LYS A 350 -1.71 -9.77 21.38
C LYS A 350 -2.37 -9.84 22.76
N THR A 351 -3.70 -9.95 22.79
CA THR A 351 -4.52 -10.03 24.03
C THR A 351 -4.27 -11.39 24.72
N TYR A 352 -4.09 -12.46 23.92
CA TYR A 352 -3.83 -13.83 24.42
C TYR A 352 -2.48 -13.88 25.13
N GLU A 353 -1.42 -13.43 24.45
CA GLU A 353 -0.04 -13.30 25.00
C GLU A 353 -0.09 -12.55 26.34
N ALA A 354 -0.81 -11.42 26.37
CA ALA A 354 -0.92 -10.51 27.53
C ALA A 354 -1.56 -11.23 28.72
N THR A 355 -2.49 -12.15 28.46
CA THR A 355 -3.20 -12.97 29.48
C THR A 355 -2.22 -13.98 30.10
N LEU A 356 -1.43 -14.67 29.26
CA LEU A 356 -0.51 -15.76 29.70
C LEU A 356 0.65 -15.17 30.53
N GLU A 357 1.15 -13.99 30.16
CA GLU A 357 2.22 -13.27 30.90
C GLU A 357 1.77 -13.00 32.34
N LYS A 358 0.49 -12.68 32.54
CA LYS A 358 -0.10 -12.28 33.84
C LYS A 358 -0.59 -13.52 34.60
N CYS A 359 -1.11 -14.52 33.88
CA CYS A 359 -1.79 -15.73 34.45
C CYS A 359 -0.77 -16.77 34.95
N CYS A 360 0.28 -17.03 34.16
CA CYS A 360 1.33 -18.04 34.48
C CYS A 360 2.19 -17.56 35.66
N ALA A 361 2.08 -16.28 36.01
CA ALA A 361 2.72 -15.64 37.19
C ALA A 361 1.85 -15.84 38.44
N GLU A 362 0.52 -15.79 38.28
CA GLU A 362 -0.47 -15.87 39.39
C GLU A 362 -0.43 -17.27 40.03
N ALA A 363 -1.09 -17.41 41.18
CA ALA A 363 -1.09 -18.63 42.03
C ALA A 363 -1.72 -19.81 41.30
N ASP A 364 -2.84 -19.59 40.62
CA ASP A 364 -3.66 -20.63 39.93
C ASP A 364 -3.85 -20.24 38.47
N PRO A 365 -2.88 -20.56 37.58
CA PRO A 365 -2.98 -20.19 36.17
C PRO A 365 -4.17 -20.76 35.40
N PRO A 366 -4.49 -22.08 35.49
CA PRO A 366 -5.63 -22.65 34.77
C PRO A 366 -6.96 -21.90 34.99
N ALA A 367 -7.22 -21.50 36.24
CA ALA A 367 -8.41 -20.71 36.65
C ALA A 367 -8.35 -19.32 36.01
N CYS A 368 -7.15 -18.77 35.84
CA CYS A 368 -6.89 -17.41 35.28
C CYS A 368 -7.27 -17.34 33.80
N TYR A 369 -6.59 -18.12 32.95
CA TYR A 369 -6.77 -18.11 31.47
C TYR A 369 -7.96 -18.98 31.06
N ARG A 370 -8.82 -19.35 32.01
CA ARG A 370 -10.06 -20.13 31.78
C ARG A 370 -11.02 -19.35 30.87
N THR A 371 -11.22 -18.06 31.17
CA THR A 371 -12.17 -17.14 30.48
C THR A 371 -11.42 -16.10 29.65
N VAL A 372 -10.39 -16.52 28.92
CA VAL A 372 -9.54 -15.62 28.06
C VAL A 372 -10.31 -15.25 26.80
N PHE A 373 -11.21 -16.13 26.32
CA PHE A 373 -11.98 -15.95 25.06
C PHE A 373 -13.08 -14.90 25.24
N ASP A 374 -13.40 -14.54 26.48
CA ASP A 374 -14.39 -13.48 26.82
C ASP A 374 -13.84 -12.10 26.46
N GLN A 375 -12.51 -11.95 26.46
CA GLN A 375 -11.80 -10.67 26.18
C GLN A 375 -11.88 -10.34 24.67
N PHE A 376 -12.17 -11.33 23.82
CA PHE A 376 -12.15 -11.22 22.34
C PHE A 376 -13.46 -10.61 21.80
N THR A 377 -14.60 -10.97 22.40
CA THR A 377 -15.96 -10.57 21.94
C THR A 377 -16.05 -9.05 21.75
N PRO A 378 -15.59 -8.20 22.71
CA PRO A 378 -15.62 -6.75 22.50
C PRO A 378 -14.66 -6.27 21.41
N LEU A 379 -13.53 -6.96 21.22
CA LEU A 379 -12.51 -6.63 20.18
C LEU A 379 -13.13 -6.82 18.78
N VAL A 380 -14.02 -7.81 18.65
CA VAL A 380 -14.70 -8.17 17.36
C VAL A 380 -15.77 -7.12 17.04
N GLU A 381 -16.53 -6.68 18.05
CA GLU A 381 -17.76 -5.86 17.87
C GLU A 381 -17.42 -4.42 17.49
N GLU A 382 -16.30 -3.87 17.98
CA GLU A 382 -15.91 -2.45 17.76
C GLU A 382 -15.78 -2.18 16.25
N PRO A 383 -14.87 -2.86 15.51
CA PRO A 383 -14.75 -2.64 14.07
C PRO A 383 -16.02 -2.97 13.27
N LYS A 384 -16.79 -3.96 13.72
CA LYS A 384 -18.10 -4.34 13.11
C LYS A 384 -19.05 -3.13 13.13
N SER A 385 -19.04 -2.38 14.24
CA SER A 385 -19.88 -1.17 14.48
C SER A 385 -19.41 -0.01 13.58
N LEU A 386 -18.10 0.19 13.47
CA LEU A 386 -17.47 1.29 12.68
C LEU A 386 -17.77 1.11 11.19
N VAL A 387 -17.57 -0.10 10.66
CA VAL A 387 -17.76 -0.45 9.22
C VAL A 387 -19.23 -0.25 8.84
N LYS A 388 -20.16 -0.54 9.75
CA LYS A 388 -21.63 -0.38 9.54
C LYS A 388 -21.95 1.10 9.35
N LYS A 389 -21.50 1.96 10.27
CA LYS A 389 -21.77 3.42 10.29
C LYS A 389 -21.22 4.09 9.02
N ASN A 390 -20.03 3.69 8.58
CA ASN A 390 -19.31 4.31 7.43
C ASN A 390 -20.00 3.92 6.11
N CYS A 391 -20.45 2.67 5.99
CA CYS A 391 -21.17 2.15 4.79
C CYS A 391 -22.60 2.71 4.77
N ASP A 392 -23.24 2.83 5.94
CA ASP A 392 -24.56 3.50 6.12
C ASP A 392 -24.45 4.95 5.61
N LEU A 393 -23.35 5.64 5.96
CA LEU A 393 -23.08 7.04 5.55
C LEU A 393 -22.82 7.09 4.04
N PHE A 394 -21.95 6.21 3.54
CA PHE A 394 -21.54 6.15 2.10
C PHE A 394 -22.77 5.93 1.21
N GLU A 395 -23.56 4.90 1.52
CA GLU A 395 -24.74 4.46 0.73
C GLU A 395 -25.73 5.62 0.59
N GLU A 396 -25.87 6.44 1.63
CA GLU A 396 -26.75 7.64 1.66
C GLU A 396 -26.19 8.73 0.74
N VAL A 397 -25.01 9.26 1.08
CA VAL A 397 -24.49 10.56 0.55
C VAL A 397 -23.62 10.33 -0.71
N GLY A 398 -23.25 9.08 -0.99
CA GLY A 398 -22.42 8.72 -2.16
C GLY A 398 -20.94 9.01 -1.94
N GLU A 399 -20.11 8.72 -2.94
CA GLU A 399 -18.61 8.74 -2.84
C GLU A 399 -18.12 10.13 -2.44
N TYR A 400 -18.33 11.14 -3.30
CA TYR A 400 -17.74 12.50 -3.20
C TYR A 400 -18.01 13.11 -1.82
N ASP A 401 -19.27 13.02 -1.34
CA ASP A 401 -19.70 13.63 -0.05
C ASP A 401 -19.13 12.81 1.11
N PHE A 402 -18.94 11.50 0.92
CA PHE A 402 -18.34 10.57 1.93
C PHE A 402 -16.86 10.93 2.11
N GLN A 403 -16.15 11.15 1.00
CA GLN A 403 -14.75 11.65 0.98
C GLN A 403 -14.67 12.94 1.81
N ASN A 404 -15.56 13.90 1.51
CA ASN A 404 -15.61 15.24 2.17
C ASN A 404 -15.83 15.06 3.67
N ALA A 405 -16.74 14.17 4.06
CA ALA A 405 -17.06 13.85 5.47
C ALA A 405 -15.81 13.31 6.18
N LEU A 406 -15.00 12.51 5.47
CA LEU A 406 -13.75 11.88 6.01
C LEU A 406 -12.62 12.92 6.06
N ILE A 407 -12.53 13.80 5.05
CA ILE A 407 -11.55 14.93 5.02
C ILE A 407 -11.78 15.79 6.27
N VAL A 408 -13.03 16.13 6.58
CA VAL A 408 -13.42 16.94 7.78
C VAL A 408 -13.04 16.14 9.03
N ARG A 409 -13.37 14.85 9.07
CA ARG A 409 -13.12 13.93 10.22
C ARG A 409 -11.63 13.94 10.57
N TYR A 410 -10.76 13.69 9.58
CA TYR A 410 -9.30 13.49 9.77
C TYR A 410 -8.57 14.83 9.96
N THR A 411 -9.05 15.90 9.34
CA THR A 411 -8.51 17.28 9.52
C THR A 411 -8.71 17.71 10.98
N LYS A 412 -9.86 17.36 11.57
CA LYS A 412 -10.16 17.65 13.00
C LYS A 412 -9.24 16.81 13.89
N LYS A 413 -9.03 15.54 13.55
CA LYS A 413 -8.15 14.59 14.30
C LYS A 413 -6.72 15.13 14.32
N ALA A 414 -6.24 15.66 13.19
CA ALA A 414 -4.86 16.16 13.00
C ALA A 414 -4.86 17.40 12.09
N PRO A 415 -5.10 18.61 12.64
CA PRO A 415 -5.10 19.84 11.85
C PRO A 415 -3.71 20.32 11.40
N GLN A 416 -2.64 19.78 12.00
CA GLN A 416 -1.24 20.20 11.73
C GLN A 416 -0.72 19.54 10.45
N VAL A 417 -1.35 18.42 10.05
CA VAL A 417 -0.97 17.62 8.85
C VAL A 417 -1.28 18.43 7.59
N SER A 418 -0.38 18.40 6.60
CA SER A 418 -0.48 19.15 5.33
C SER A 418 -1.81 18.83 4.65
N THR A 419 -2.39 19.80 3.93
CA THR A 419 -3.70 19.70 3.24
C THR A 419 -3.67 18.56 2.22
N PRO A 420 -2.63 18.44 1.36
CA PRO A 420 -2.57 17.37 0.36
C PRO A 420 -2.68 15.97 0.97
N THR A 421 -2.05 15.76 2.12
CA THR A 421 -2.04 14.47 2.87
C THR A 421 -3.47 14.16 3.34
N LEU A 422 -4.14 15.15 3.94
CA LEU A 422 -5.52 15.02 4.49
C LEU A 422 -6.52 14.76 3.34
N VAL A 423 -6.37 15.46 2.22
CA VAL A 423 -7.23 15.30 1.01
C VAL A 423 -7.06 13.88 0.46
N GLU A 424 -5.82 13.38 0.42
CA GLU A 424 -5.47 12.06 -0.15
C GLU A 424 -6.18 10.94 0.63
N ILE A 425 -6.06 10.93 1.96
CA ILE A 425 -6.62 9.85 2.84
C ILE A 425 -8.14 9.91 2.78
N GLY A 426 -8.72 11.11 2.81
CA GLY A 426 -10.18 11.31 2.66
C GLY A 426 -10.67 10.75 1.34
N ARG A 427 -9.96 11.04 0.25
CA ARG A 427 -10.29 10.58 -1.13
C ARG A 427 -10.10 9.06 -1.22
N THR A 428 -8.98 8.54 -0.70
CA THR A 428 -8.66 7.08 -0.67
C THR A 428 -9.77 6.31 0.06
N LEU A 429 -10.08 6.72 1.30
CA LEU A 429 -11.03 6.01 2.21
C LEU A 429 -12.46 6.09 1.66
N GLY A 430 -12.79 7.13 0.90
CA GLY A 430 -14.07 7.26 0.19
C GLY A 430 -14.24 6.20 -0.87
N LYS A 431 -13.18 5.93 -1.65
CA LYS A 431 -13.16 4.91 -2.73
C LYS A 431 -13.21 3.51 -2.11
N VAL A 432 -12.70 3.35 -0.89
CA VAL A 432 -12.81 2.10 -0.08
C VAL A 432 -14.31 1.82 0.17
N GLY A 433 -15.08 2.88 0.44
CA GLY A 433 -16.54 2.84 0.56
C GLY A 433 -17.19 2.22 -0.68
N SER A 434 -16.77 2.66 -1.87
CA SER A 434 -17.26 2.17 -3.18
C SER A 434 -16.94 0.68 -3.36
N ARG A 435 -15.70 0.29 -3.04
CA ARG A 435 -15.17 -1.09 -3.23
C ARG A 435 -15.83 -2.06 -2.25
N CYS A 436 -15.83 -1.72 -0.95
CA CYS A 436 -16.02 -2.68 0.17
C CYS A 436 -17.49 -2.80 0.57
N CYS A 437 -18.25 -1.69 0.56
CA CYS A 437 -19.63 -1.61 1.11
C CYS A 437 -20.62 -2.39 0.25
N LYS A 438 -20.31 -2.63 -1.03
CA LYS A 438 -21.19 -3.35 -1.99
C LYS A 438 -21.01 -4.87 -1.85
N LEU A 439 -20.21 -5.33 -0.87
CA LEU A 439 -19.89 -6.76 -0.64
C LEU A 439 -20.75 -7.34 0.48
N PRO A 440 -20.88 -8.68 0.57
CA PRO A 440 -21.55 -9.31 1.71
C PRO A 440 -20.86 -9.02 3.06
N GLU A 441 -21.63 -9.06 4.16
CA GLU A 441 -21.20 -8.67 5.52
C GLU A 441 -19.89 -9.39 5.91
N SER A 442 -19.79 -10.68 5.57
CA SER A 442 -18.63 -11.55 5.91
C SER A 442 -17.36 -11.07 5.20
N GLU A 443 -17.51 -10.50 3.99
CA GLU A 443 -16.38 -10.03 3.14
C GLU A 443 -16.14 -8.52 3.33
N ARG A 444 -17.02 -7.83 4.05
CA ARG A 444 -17.08 -6.34 4.09
C ARG A 444 -16.13 -5.80 5.16
N LEU A 445 -16.18 -6.34 6.37
CA LEU A 445 -15.28 -5.95 7.50
C LEU A 445 -13.82 -6.08 7.08
N PRO A 446 -13.37 -7.27 6.59
CA PRO A 446 -11.97 -7.43 6.21
C PRO A 446 -11.55 -6.46 5.09
N CYS A 447 -12.38 -6.31 4.06
CA CYS A 447 -12.15 -5.37 2.92
C CYS A 447 -11.87 -3.96 3.47
N SER A 448 -12.80 -3.40 4.24
CA SER A 448 -12.77 -2.02 4.79
C SER A 448 -11.53 -1.81 5.66
N GLU A 449 -11.34 -2.67 6.66
CA GLU A 449 -10.30 -2.51 7.72
C GLU A 449 -8.92 -2.84 7.15
N ASN A 450 -8.84 -3.77 6.19
CA ASN A 450 -7.57 -4.11 5.48
C ASN A 450 -7.13 -2.91 4.64
N HIS A 451 -8.05 -2.33 3.87
CA HIS A 451 -7.81 -1.14 3.01
C HIS A 451 -7.53 0.10 3.88
N LEU A 452 -8.22 0.22 5.02
CA LEU A 452 -8.03 1.33 5.99
C LEU A 452 -6.58 1.33 6.50
N ALA A 453 -6.05 0.15 6.84
CA ALA A 453 -4.66 -0.06 7.31
C ALA A 453 -3.65 0.46 6.26
N LEU A 454 -3.96 0.28 4.97
CA LEU A 454 -3.10 0.73 3.84
C LEU A 454 -3.12 2.26 3.76
N ALA A 455 -4.28 2.87 3.99
CA ALA A 455 -4.50 4.33 3.92
C ALA A 455 -3.85 5.01 5.12
N LEU A 456 -3.91 4.37 6.30
CA LEU A 456 -3.29 4.88 7.56
C LEU A 456 -1.77 4.79 7.44
N ASN A 457 -1.25 3.75 6.78
CA ASN A 457 0.21 3.55 6.57
C ASN A 457 0.75 4.67 5.68
N ARG A 458 0.02 4.99 4.60
CA ARG A 458 0.35 6.09 3.66
C ARG A 458 0.52 7.39 4.47
N LEU A 459 -0.48 7.74 5.27
CA LEU A 459 -0.48 8.93 6.17
C LEU A 459 0.78 8.90 7.06
N CYS A 460 1.11 7.74 7.61
CA CYS A 460 2.26 7.53 8.53
C CYS A 460 3.59 7.69 7.77
N VAL A 461 3.66 7.22 6.53
CA VAL A 461 4.87 7.31 5.66
C VAL A 461 5.15 8.78 5.35
N LEU A 462 4.13 9.53 4.93
CA LEU A 462 4.22 10.96 4.55
C LEU A 462 4.53 11.80 5.80
N HIS A 463 3.91 11.45 6.92
CA HIS A 463 4.09 12.14 8.24
C HIS A 463 5.50 11.88 8.78
N GLU A 464 6.06 10.69 8.54
CA GLU A 464 7.42 10.30 9.02
C GLU A 464 8.47 11.24 8.41
N LYS A 465 8.34 11.53 7.11
CA LYS A 465 9.26 12.42 6.35
C LYS A 465 9.24 13.83 6.95
N THR A 466 8.05 14.30 7.36
CA THR A 466 7.79 15.69 7.82
C THR A 466 6.85 15.67 9.02
N PRO A 467 7.32 15.28 10.23
CA PRO A 467 6.44 15.17 11.39
C PRO A 467 5.96 16.54 11.91
N VAL A 468 4.66 16.62 12.21
CA VAL A 468 3.95 17.87 12.63
C VAL A 468 3.16 17.63 13.92
N SER A 469 2.68 16.40 14.15
CA SER A 469 1.86 16.00 15.32
C SER A 469 2.56 14.87 16.10
N GLU A 470 2.55 14.96 17.44
CA GLU A 470 3.07 13.94 18.37
C GLU A 470 2.07 12.79 18.50
N LYS A 471 0.77 13.10 18.47
CA LYS A 471 -0.35 12.11 18.49
C LYS A 471 -0.17 11.13 17.33
N ILE A 472 0.02 11.66 16.13
CA ILE A 472 0.14 10.88 14.84
C ILE A 472 1.40 10.00 14.94
N THR A 473 2.52 10.57 15.40
CA THR A 473 3.81 9.85 15.60
C THR A 473 3.57 8.65 16.53
N LYS A 474 2.87 8.88 17.65
CA LYS A 474 2.63 7.82 18.67
C LYS A 474 1.81 6.70 18.05
N CYS A 475 0.69 7.02 17.38
CA CYS A 475 -0.20 6.04 16.71
C CYS A 475 0.56 5.27 15.61
N CYS A 476 1.48 5.94 14.92
CA CYS A 476 2.22 5.39 13.75
C CYS A 476 3.37 4.46 14.19
N THR A 477 3.95 4.70 15.37
CA THR A 477 5.19 4.02 15.85
C THR A 477 4.91 3.07 17.02
N ASP A 478 3.80 3.24 17.75
CA ASP A 478 3.49 2.45 18.98
C ASP A 478 3.36 0.97 18.63
N SER A 479 2.28 0.60 17.93
CA SER A 479 1.91 -0.82 17.63
C SER A 479 1.08 -0.89 16.35
N LEU A 480 1.38 -1.85 15.47
CA LEU A 480 0.73 -2.02 14.15
C LEU A 480 -0.69 -2.53 14.33
N ALA A 481 -0.89 -3.49 15.24
CA ALA A 481 -2.21 -4.11 15.57
C ALA A 481 -3.16 -3.05 16.15
N GLU A 482 -2.63 -2.11 16.94
CA GLU A 482 -3.41 -1.09 17.69
C GLU A 482 -3.49 0.22 16.89
N ARG A 483 -3.06 0.21 15.63
CA ARG A 483 -2.92 1.44 14.78
C ARG A 483 -4.31 2.02 14.49
N ARG A 484 -5.24 1.21 13.99
CA ARG A 484 -6.63 1.63 13.64
C ARG A 484 -7.34 2.11 14.90
N PRO A 485 -7.35 1.34 16.02
CA PRO A 485 -7.88 1.83 17.29
C PRO A 485 -7.33 3.19 17.71
N CYS A 486 -6.01 3.37 17.60
CA CYS A 486 -5.28 4.61 18.01
C CYS A 486 -5.83 5.81 17.23
N PHE A 487 -5.96 5.67 15.91
CA PHE A 487 -6.46 6.73 14.98
C PHE A 487 -7.94 7.00 15.24
N SER A 488 -8.73 5.94 15.40
CA SER A 488 -10.20 6.02 15.70
C SER A 488 -10.45 6.85 16.95
N ALA A 489 -9.54 6.77 17.94
CA ALA A 489 -9.65 7.44 19.25
C ALA A 489 -9.30 8.93 19.13
N LEU A 490 -8.44 9.31 18.17
CA LEU A 490 -8.00 10.71 17.96
C LEU A 490 -9.24 11.62 17.87
N GLU A 491 -9.22 12.72 18.61
CA GLU A 491 -10.27 13.78 18.59
C GLU A 491 -9.60 15.14 18.45
N LEU A 492 -10.39 16.17 18.13
CA LEU A 492 -9.91 17.58 18.00
C LEU A 492 -9.25 17.99 19.32
N ASP A 493 -7.98 18.41 19.27
CA ASP A 493 -7.23 18.96 20.43
C ASP A 493 -8.00 20.16 20.99
N GLU A 494 -8.44 20.09 22.24
CA GLU A 494 -9.16 21.18 22.95
C GLU A 494 -8.33 22.47 22.88
N GLY A 495 -7.01 22.35 22.99
CA GLY A 495 -6.05 23.48 22.96
C GLY A 495 -5.43 23.69 21.57
N TYR A 496 -6.18 23.42 20.50
CA TYR A 496 -5.76 23.71 19.10
C TYR A 496 -5.99 25.19 18.82
N VAL A 497 -4.96 25.87 18.30
CA VAL A 497 -5.02 27.31 17.88
C VAL A 497 -5.47 27.36 16.43
N PRO A 498 -6.71 27.80 16.13
CA PRO A 498 -7.18 27.94 14.75
C PRO A 498 -6.19 28.67 13.83
N LYS A 499 -5.98 28.13 12.63
CA LYS A 499 -5.17 28.74 11.54
C LYS A 499 -5.80 30.08 11.16
N GLU A 500 -5.01 31.15 11.10
CA GLU A 500 -5.51 32.53 10.81
C GLU A 500 -5.97 32.60 9.34
N PHE A 501 -7.03 33.36 9.09
CA PHE A 501 -7.74 33.42 7.77
C PHE A 501 -6.85 34.09 6.72
N LYS A 502 -6.50 33.34 5.67
CA LYS A 502 -5.83 33.86 4.44
C LYS A 502 -6.83 33.80 3.28
N ALA A 503 -7.24 34.96 2.77
CA ALA A 503 -8.24 35.12 1.68
C ALA A 503 -7.75 34.44 0.39
N GLU A 504 -6.44 34.47 0.14
CA GLU A 504 -5.79 33.86 -1.07
C GLU A 504 -6.08 32.35 -1.10
N THR A 505 -6.15 31.72 0.07
CA THR A 505 -6.38 30.26 0.24
C THR A 505 -7.77 29.88 -0.29
N PHE A 506 -8.73 30.81 -0.26
CA PHE A 506 -10.16 30.59 -0.63
C PHE A 506 -10.52 31.40 -1.88
N THR A 507 -9.51 31.89 -2.60
CA THR A 507 -9.66 32.69 -3.85
C THR A 507 -9.48 31.77 -5.06
N PHE A 508 -10.53 31.62 -5.86
CA PHE A 508 -10.55 30.79 -7.10
C PHE A 508 -10.41 31.70 -8.33
N HIS A 509 -9.88 31.13 -9.41
CA HIS A 509 -9.65 31.82 -10.72
C HIS A 509 -10.12 30.91 -11.86
N ALA A 510 -10.12 31.43 -13.09
CA ALA A 510 -10.62 30.75 -14.32
C ALA A 510 -9.77 29.52 -14.65
N ASP A 511 -8.56 29.42 -14.09
CA ASP A 511 -7.60 28.30 -14.31
C ASP A 511 -8.27 26.96 -13.92
N ILE A 512 -9.14 26.97 -12.91
CA ILE A 512 -9.81 25.75 -12.37
C ILE A 512 -10.68 25.10 -13.46
N CYS A 513 -11.29 25.90 -14.32
CA CYS A 513 -12.28 25.47 -15.35
C CYS A 513 -11.65 24.48 -16.34
N THR A 514 -10.36 24.63 -16.62
CA THR A 514 -9.61 23.83 -17.65
C THR A 514 -9.10 22.52 -17.04
N LEU A 515 -9.15 22.38 -15.71
CA LEU A 515 -8.66 21.16 -14.98
C LEU A 515 -9.59 19.99 -15.24
N PRO A 516 -9.08 18.74 -15.31
CA PRO A 516 -9.93 17.55 -15.31
C PRO A 516 -10.72 17.44 -13.99
N GLU A 517 -11.87 16.77 -14.02
CA GLU A 517 -12.87 16.74 -12.92
C GLU A 517 -12.19 16.33 -11.60
N ASP A 518 -11.33 15.31 -11.65
CA ASP A 518 -10.58 14.81 -10.46
C ASP A 518 -9.77 15.94 -9.84
N GLU A 519 -8.99 16.65 -10.65
CA GLU A 519 -8.12 17.78 -10.20
C GLU A 519 -9.00 18.93 -9.69
N LYS A 520 -10.18 19.11 -10.29
CA LYS A 520 -11.17 20.16 -9.91
C LYS A 520 -11.68 19.88 -8.49
N GLN A 521 -12.06 18.63 -8.21
CA GLN A 521 -12.55 18.17 -6.88
C GLN A 521 -11.45 18.36 -5.82
N ILE A 522 -10.20 18.02 -6.14
CA ILE A 522 -9.04 18.13 -5.22
C ILE A 522 -8.87 19.58 -4.76
N LYS A 523 -9.03 20.54 -5.67
CA LYS A 523 -8.93 22.00 -5.37
C LYS A 523 -10.03 22.40 -4.37
N LYS A 524 -11.26 21.93 -4.60
CA LYS A 524 -12.44 22.20 -3.73
C LYS A 524 -12.26 21.46 -2.39
N GLN A 525 -11.83 20.20 -2.44
CA GLN A 525 -11.60 19.35 -1.24
C GLN A 525 -10.40 19.88 -0.44
N SER A 526 -9.42 20.48 -1.13
CA SER A 526 -8.27 21.18 -0.48
C SER A 526 -8.79 22.41 0.28
N ALA A 527 -9.77 23.11 -0.28
CA ALA A 527 -10.40 24.31 0.32
C ALA A 527 -11.21 23.91 1.56
N LEU A 528 -11.93 22.78 1.48
CA LEU A 528 -12.72 22.20 2.59
C LEU A 528 -11.82 21.97 3.81
N ALA A 529 -10.71 21.24 3.62
CA ALA A 529 -9.69 20.97 4.66
C ALA A 529 -9.23 22.29 5.28
N GLU A 530 -8.99 23.32 4.46
CA GLU A 530 -8.51 24.65 4.93
C GLU A 530 -9.62 25.34 5.75
N LEU A 531 -10.88 25.20 5.34
CA LEU A 531 -12.05 25.75 6.08
C LEU A 531 -12.08 25.15 7.49
N VAL A 532 -11.83 23.84 7.61
CA VAL A 532 -11.79 23.10 8.92
C VAL A 532 -10.63 23.64 9.76
N LYS A 533 -9.45 23.80 9.14
CA LYS A 533 -8.21 24.28 9.82
C LYS A 533 -8.43 25.69 10.38
N HIS A 534 -9.24 26.51 9.71
CA HIS A 534 -9.58 27.90 10.13
C HIS A 534 -10.71 27.88 11.17
N LYS A 535 -11.73 27.05 10.93
CA LYS A 535 -12.93 26.89 11.83
C LYS A 535 -13.03 25.44 12.28
N PRO A 536 -12.22 24.98 13.26
CA PRO A 536 -12.22 23.58 13.67
C PRO A 536 -13.47 23.12 14.42
N LYS A 537 -14.22 24.07 15.00
CA LYS A 537 -15.42 23.79 15.85
C LYS A 537 -16.70 23.95 15.01
N ALA A 538 -16.56 24.22 13.71
CA ALA A 538 -17.68 24.23 12.73
C ALA A 538 -18.19 22.79 12.54
N THR A 539 -19.52 22.63 12.44
CA THR A 539 -20.17 21.30 12.25
C THR A 539 -19.93 20.83 10.82
N LYS A 540 -19.89 19.51 10.60
CA LYS A 540 -19.75 18.87 9.27
C LYS A 540 -20.88 19.38 8.34
N GLU A 541 -22.04 19.72 8.91
CA GLU A 541 -23.24 20.16 8.16
C GLU A 541 -23.07 21.62 7.72
N GLN A 542 -22.40 22.45 8.53
CA GLN A 542 -22.04 23.85 8.18
C GLN A 542 -21.03 23.84 7.02
N LEU A 543 -20.03 22.96 7.13
CA LEU A 543 -18.91 22.81 6.14
C LEU A 543 -19.47 22.27 4.82
N LYS A 544 -20.38 21.29 4.88
CA LYS A 544 -21.04 20.71 3.68
C LYS A 544 -21.73 21.83 2.89
N THR A 545 -22.44 22.71 3.59
CA THR A 545 -23.22 23.84 3.00
C THR A 545 -22.28 24.86 2.33
N VAL A 546 -21.22 25.28 3.04
CA VAL A 546 -20.25 26.32 2.57
C VAL A 546 -19.53 25.81 1.31
N LEU A 547 -19.15 24.53 1.28
CA LEU A 547 -18.48 23.90 0.10
C LEU A 547 -19.46 23.85 -1.07
N GLY A 548 -20.75 23.59 -0.79
CA GLY A 548 -21.84 23.61 -1.79
C GLY A 548 -21.97 24.97 -2.46
N ASN A 549 -21.75 26.04 -1.70
CA ASN A 549 -21.76 27.44 -2.20
C ASN A 549 -20.55 27.66 -3.11
N PHE A 550 -19.36 27.27 -2.64
CA PHE A 550 -18.08 27.30 -3.39
C PHE A 550 -18.22 26.48 -4.68
N SER A 551 -18.83 25.31 -4.57
CA SER A 551 -19.11 24.37 -5.70
C SER A 551 -19.97 25.08 -6.76
N ALA A 552 -21.10 25.65 -6.33
CA ALA A 552 -22.06 26.39 -7.19
C ALA A 552 -21.39 27.60 -7.84
N PHE A 553 -20.54 28.29 -7.09
CA PHE A 553 -19.80 29.52 -7.50
C PHE A 553 -18.84 29.18 -8.65
N VAL A 554 -18.15 28.03 -8.57
CA VAL A 554 -17.15 27.56 -9.57
C VAL A 554 -17.88 27.18 -10.87
N ALA A 555 -18.92 26.36 -10.77
CA ALA A 555 -19.74 25.87 -11.90
C ALA A 555 -20.32 27.06 -12.67
N LYS A 556 -20.83 28.06 -11.94
CA LYS A 556 -21.46 29.29 -12.49
C LYS A 556 -20.45 30.06 -13.34
N CYS A 557 -19.28 30.37 -12.77
CA CYS A 557 -18.24 31.24 -13.38
C CYS A 557 -17.48 30.51 -14.49
N CYS A 558 -17.36 29.18 -14.40
CA CYS A 558 -16.75 28.32 -15.46
C CYS A 558 -17.71 28.16 -16.64
N GLY A 559 -18.99 28.50 -16.45
CA GLY A 559 -20.02 28.51 -17.50
C GLY A 559 -20.22 29.89 -18.11
N ALA A 560 -19.72 30.92 -17.43
CA ALA A 560 -19.88 32.36 -17.82
C ALA A 560 -19.18 32.63 -19.15
N GLU A 561 -19.72 33.58 -19.94
CA GLU A 561 -19.14 34.03 -21.23
C GLU A 561 -17.78 34.69 -20.97
N ASP A 562 -17.69 35.51 -19.92
CA ASP A 562 -16.41 36.08 -19.39
C ASP A 562 -16.12 35.40 -18.04
N LYS A 563 -15.28 34.36 -18.05
CA LYS A 563 -14.98 33.50 -16.87
C LYS A 563 -14.26 34.32 -15.79
N GLU A 564 -13.14 34.97 -16.15
CA GLU A 564 -12.26 35.69 -15.19
C GLU A 564 -13.01 36.89 -14.59
N ALA A 565 -13.90 37.52 -15.37
CA ALA A 565 -14.77 38.63 -14.93
C ALA A 565 -15.71 38.15 -13.82
N CYS A 566 -16.31 36.96 -14.01
CA CYS A 566 -17.24 36.31 -13.04
C CYS A 566 -16.52 36.05 -11.71
N PHE A 567 -15.34 35.42 -11.77
CA PHE A 567 -14.52 35.01 -10.59
C PHE A 567 -14.11 36.24 -9.78
N ALA A 568 -13.66 37.29 -10.48
CA ALA A 568 -13.22 38.58 -9.89
C ALA A 568 -14.34 39.18 -9.03
N GLU A 569 -15.57 39.20 -9.55
CA GLU A 569 -16.76 39.86 -8.93
C GLU A 569 -17.25 39.03 -7.74
N GLU A 570 -17.51 37.73 -7.94
CA GLU A 570 -18.28 36.87 -7.01
C GLU A 570 -17.40 36.31 -5.89
N GLY A 571 -16.11 36.07 -6.17
CA GLY A 571 -15.16 35.43 -5.24
C GLY A 571 -15.18 36.03 -3.84
N PRO A 572 -14.76 37.31 -3.68
CA PRO A 572 -14.62 37.92 -2.36
C PRO A 572 -15.92 37.94 -1.53
N LYS A 573 -17.08 38.03 -2.20
CA LYS A 573 -18.42 38.05 -1.57
C LYS A 573 -18.65 36.71 -0.85
N LEU A 574 -18.45 35.60 -1.56
CA LEU A 574 -18.59 34.21 -1.02
C LEU A 574 -17.58 33.99 0.10
N VAL A 575 -16.32 34.42 -0.11
CA VAL A 575 -15.20 34.32 0.87
C VAL A 575 -15.62 34.99 2.18
N ALA A 576 -16.29 36.14 2.10
CA ALA A 576 -16.67 37.00 3.25
C ALA A 576 -17.82 36.35 4.04
N SER A 577 -18.83 35.84 3.33
CA SER A 577 -20.06 35.23 3.92
C SER A 577 -19.76 33.85 4.49
N SER A 578 -18.82 33.12 3.87
CA SER A 578 -18.37 31.76 4.28
C SER A 578 -17.89 31.79 5.74
N GLN A 579 -17.21 32.85 6.15
CA GLN A 579 -16.67 33.04 7.53
C GLN A 579 -17.83 33.10 8.53
N LEU A 580 -18.83 33.94 8.25
CA LEU A 580 -20.04 34.14 9.10
C LEU A 580 -20.85 32.84 9.20
N ALA A 581 -20.85 32.04 8.13
CA ALA A 581 -21.64 30.78 8.00
C ALA A 581 -21.04 29.68 8.89
N LEU A 582 -19.74 29.75 9.17
CA LEU A 582 -18.98 28.69 9.89
C LEU A 582 -18.76 29.08 11.36
N ALA A 583 -19.47 30.10 11.85
CA ALA A 583 -19.35 30.62 13.24
C ALA A 583 -19.75 29.52 14.24
#